data_3QTC
#
_entry.id   3QTC
#
_cell.length_a   104.809
_cell.length_b   104.809
_cell.length_c   71.674
_cell.angle_alpha   90.000
_cell.angle_beta   90.000
_cell.angle_gamma   120.000
#
_symmetry.space_group_name_H-M   'P 64'
#
loop_
_entity.id
_entity.type
_entity.pdbx_description
1 polymer 'Pyrrolysyl-tRNA synthetase'
2 non-polymer 'MAGNESIUM ION'
3 non-polymer O-methyl-L-tyrosine
4 non-polymer 1,2-ETHANEDIOL
5 non-polymer 'PHOSPHOAMINOPHOSPHONIC ACID-ADENYLATE ESTER'
6 water water
#
_entity_poly.entity_id   1
_entity_poly.type   'polypeptide(L)'
_entity_poly.pdbx_seq_one_letter_code
;MKHHHHHHHHGGLVPRGSHGASAPALTKSQTDRLEVLLNPKDEISLNSGKPFRELESELLSRRKKDLQQIYAEERENYLG
KLEREITRFFVDRGFLEIKSPILIPLEYIERMGIDNDTELSKQIFRVDKNFCLRPMLTPNLYNYLRKLDRALPDPIKIFE
IGPCYRKESDGKEHLEEFTMLVFWQMGSGCTRENLESIITDFLNHLGIDFKIVGDSCMVFGDTLDVMHGDLELSSALVGP
IPLDREWGIDKPWIGAGFGLERLLKVKHDFKNIKRAARSESYYNGISTNL
;
_entity_poly.pdbx_strand_id   A
#
# COMPACT_ATOMS: atom_id res chain seq x y z
N PRO A 24 -35.90 2.44 -23.57
CA PRO A 24 -36.02 2.69 -22.14
C PRO A 24 -34.67 3.07 -21.49
N ALA A 25 -34.73 3.68 -20.32
CA ALA A 25 -33.53 4.00 -19.57
C ALA A 25 -32.88 2.71 -19.05
N LEU A 26 -31.57 2.75 -18.86
CA LEU A 26 -30.87 1.63 -18.22
C LEU A 26 -31.29 1.53 -16.77
N THR A 27 -31.44 0.31 -16.27
CA THR A 27 -31.69 0.11 -14.85
C THR A 27 -30.42 0.37 -14.07
N LYS A 28 -30.55 0.65 -12.78
CA LYS A 28 -29.39 0.76 -11.88
C LYS A 28 -28.54 -0.52 -11.91
N SER A 29 -29.19 -1.68 -11.92
CA SER A 29 -28.47 -2.95 -12.04
C SER A 29 -27.68 -3.04 -13.32
N GLN A 30 -28.27 -2.59 -14.44
CA GLN A 30 -27.59 -2.63 -15.72
C GLN A 30 -26.42 -1.65 -15.74
N THR A 31 -26.63 -0.48 -15.15
CA THR A 31 -25.54 0.52 -15.08
C THR A 31 -24.39 -0.01 -14.22
N ASP A 32 -24.70 -0.71 -13.13
CA ASP A 32 -23.67 -1.36 -12.29
C ASP A 32 -22.85 -2.35 -13.11
N ARG A 33 -23.54 -3.16 -13.93
CA ARG A 33 -22.86 -4.12 -14.79
C ARG A 33 -21.91 -3.45 -15.80
N LEU A 34 -22.38 -2.38 -16.45
CA LEU A 34 -21.54 -1.65 -17.41
C LEU A 34 -20.33 -1.01 -16.73
N GLU A 35 -20.53 -0.52 -15.52
CA GLU A 35 -19.46 0.12 -14.75
C GLU A 35 -18.35 -0.86 -14.36
N VAL A 36 -18.73 -2.13 -14.13
CA VAL A 36 -17.75 -3.19 -13.93
C VAL A 36 -16.83 -3.33 -15.15
N LEU A 37 -17.40 -3.16 -16.34
CA LEU A 37 -16.70 -3.31 -17.61
C LEU A 37 -16.05 -2.02 -18.11
N LEU A 38 -16.37 -0.90 -17.46
CA LEU A 38 -15.89 0.40 -17.90
C LEU A 38 -14.47 0.63 -17.40
N ASN A 39 -13.63 1.13 -18.30
N ASN A 39 -13.58 1.07 -18.29
CA ASN A 39 -12.23 1.45 -18.02
CA ASN A 39 -12.23 1.40 -17.87
C ASN A 39 -12.09 2.98 -17.91
C ASN A 39 -12.02 2.92 -17.93
N PRO A 40 -11.23 3.48 -16.99
CA PRO A 40 -11.05 4.92 -16.75
C PRO A 40 -10.95 5.84 -18.00
N LYS A 41 -10.23 5.38 -19.03
CA LYS A 41 -10.04 6.18 -20.25
C LYS A 41 -10.96 5.80 -21.45
N ASP A 42 -11.99 5.00 -21.18
CA ASP A 42 -13.03 4.75 -22.19
C ASP A 42 -13.76 6.06 -22.50
N GLU A 43 -14.04 6.28 -23.77
CA GLU A 43 -14.77 7.48 -24.20
C GLU A 43 -16.20 7.16 -24.59
N SER A 48 -27.41 8.28 -25.22
CA SER A 48 -27.75 7.07 -24.46
C SER A 48 -28.93 6.33 -25.12
N GLY A 49 -28.79 6.04 -26.41
CA GLY A 49 -29.86 5.43 -27.20
C GLY A 49 -29.70 3.97 -27.55
N LYS A 50 -28.48 3.44 -27.46
CA LYS A 50 -28.23 2.01 -27.68
C LYS A 50 -28.74 1.21 -26.48
N PRO A 51 -29.33 0.03 -26.72
CA PRO A 51 -29.79 -0.78 -25.60
C PRO A 51 -28.63 -1.30 -24.75
N PHE A 52 -28.94 -1.72 -23.53
CA PHE A 52 -27.97 -2.35 -22.62
C PHE A 52 -27.16 -3.46 -23.29
N ARG A 53 -27.85 -4.33 -24.01
CA ARG A 53 -27.25 -5.49 -24.66
C ARG A 53 -26.11 -5.08 -25.60
N GLU A 54 -26.28 -3.97 -26.29
CA GLU A 54 -25.27 -3.46 -27.23
C GLU A 54 -24.10 -2.78 -26.52
N LEU A 55 -24.39 -1.98 -25.50
CA LEU A 55 -23.34 -1.34 -24.69
C LEU A 55 -22.47 -2.41 -24.00
N GLU A 56 -23.14 -3.45 -23.48
CA GLU A 56 -22.44 -4.56 -22.84
C GLU A 56 -21.53 -5.32 -23.82
N SER A 57 -22.04 -5.63 -25.01
CA SER A 57 -21.25 -6.35 -26.03
CA SER A 57 -21.25 -6.35 -26.01
C SER A 57 -20.01 -5.57 -26.41
N GLU A 58 -20.17 -4.24 -26.56
CA GLU A 58 -19.07 -3.36 -26.96
C GLU A 58 -17.98 -3.38 -25.88
N LEU A 59 -18.40 -3.21 -24.63
CA LEU A 59 -17.45 -3.20 -23.51
C LEU A 59 -16.79 -4.56 -23.29
N LEU A 60 -17.58 -5.63 -23.41
CA LEU A 60 -16.98 -6.98 -23.33
C LEU A 60 -15.89 -7.17 -24.37
N SER A 61 -16.15 -6.72 -25.59
CA SER A 61 -15.19 -6.86 -26.68
C SER A 61 -13.90 -6.09 -26.38
N ARG A 62 -14.06 -4.88 -25.85
CA ARG A 62 -12.92 -4.03 -25.52
C ARG A 62 -12.06 -4.64 -24.41
N ARG A 63 -12.72 -5.16 -23.37
CA ARG A 63 -12.00 -5.73 -22.22
C ARG A 63 -11.30 -7.02 -22.56
N LYS A 64 -11.92 -7.83 -23.42
CA LYS A 64 -11.27 -9.04 -23.92
C LYS A 64 -9.99 -8.67 -24.70
N LYS A 65 -10.08 -7.65 -25.54
CA LYS A 65 -8.91 -7.14 -26.28
C LYS A 65 -7.81 -6.62 -25.35
N ASP A 66 -8.20 -5.91 -24.30
CA ASP A 66 -7.26 -5.43 -23.27
C ASP A 66 -6.50 -6.62 -22.65
N LEU A 67 -7.20 -7.67 -22.29
CA LEU A 67 -6.55 -8.84 -21.73
C LEU A 67 -5.68 -9.58 -22.74
N GLN A 68 -6.15 -9.69 -23.96
CA GLN A 68 -5.35 -10.27 -25.04
C GLN A 68 -4.05 -9.50 -25.28
N GLN A 69 -4.09 -8.17 -25.18
CA GLN A 69 -2.89 -7.35 -25.39
C GLN A 69 -1.88 -7.56 -24.27
N ILE A 70 -2.36 -7.60 -23.02
CA ILE A 70 -1.48 -7.92 -21.88
C ILE A 70 -0.82 -9.28 -22.08
N TYR A 71 -1.62 -10.27 -22.48
CA TYR A 71 -1.14 -11.64 -22.59
C TYR A 71 -0.11 -11.76 -23.70
N ALA A 72 -0.31 -10.98 -24.77
CA ALA A 72 0.55 -11.05 -25.95
C ALA A 72 1.88 -10.34 -25.71
N GLU A 73 1.82 -9.29 -24.92
CA GLU A 73 2.93 -8.41 -24.70
C GLU A 73 3.56 -8.56 -23.30
N GLU A 74 3.26 -7.71 -22.35
CA GLU A 74 4.02 -7.67 -21.11
C GLU A 74 3.82 -8.83 -20.12
N ARG A 75 2.61 -9.23 -19.94
CA ARG A 75 2.23 -10.36 -19.05
C ARG A 75 2.49 -10.11 -17.56
N GLU A 76 2.74 -8.87 -17.18
CA GLU A 76 3.03 -8.57 -15.77
C GLU A 76 1.82 -8.05 -15.03
N ASN A 77 1.66 -8.54 -13.79
CA ASN A 77 0.60 -8.07 -12.91
C ASN A 77 0.98 -6.71 -12.32
N TYR A 78 0.03 -5.78 -12.27
CA TYR A 78 0.33 -4.40 -11.78
C TYR A 78 0.87 -4.37 -10.37
N LEU A 79 0.30 -5.20 -9.49
CA LEU A 79 0.73 -5.19 -8.09
C LEU A 79 2.14 -5.78 -7.97
N GLY A 80 2.40 -6.85 -8.70
CA GLY A 80 3.74 -7.46 -8.69
C GLY A 80 4.75 -6.49 -9.30
N LYS A 81 4.37 -5.86 -10.41
CA LYS A 81 5.24 -4.94 -11.12
C LYS A 81 5.57 -3.71 -10.27
N LEU A 82 4.57 -3.16 -9.60
CA LEU A 82 4.80 -2.00 -8.76
C LEU A 82 5.76 -2.38 -7.61
N GLU A 83 5.53 -3.55 -7.00
CA GLU A 83 6.43 -4.02 -5.94
C GLU A 83 7.87 -4.05 -6.46
N ARG A 84 8.06 -4.55 -7.68
CA ARG A 84 9.42 -4.66 -8.24
C ARG A 84 10.04 -3.28 -8.52
N GLU A 85 9.22 -2.37 -9.03
CA GLU A 85 9.67 -0.98 -9.25
C GLU A 85 10.05 -0.27 -7.95
N ILE A 86 9.24 -0.43 -6.93
CA ILE A 86 9.53 0.17 -5.62
C ILE A 86 10.79 -0.45 -5.01
N THR A 87 10.91 -1.77 -5.12
CA THR A 87 12.11 -2.47 -4.64
C THR A 87 13.38 -1.89 -5.26
N ARG A 88 13.36 -1.71 -6.58
CA ARG A 88 14.51 -1.15 -7.29
C ARG A 88 14.85 0.24 -6.76
N PHE A 89 13.82 1.07 -6.58
CA PHE A 89 14.03 2.45 -6.12
C PHE A 89 14.76 2.48 -4.78
N PHE A 90 14.30 1.66 -3.83
CA PHE A 90 14.87 1.69 -2.48
C PHE A 90 16.19 0.98 -2.37
N VAL A 91 16.36 -0.13 -3.08
CA VAL A 91 17.65 -0.80 -3.11
C VAL A 91 18.71 0.15 -3.69
N ASP A 92 18.34 0.85 -4.76
CA ASP A 92 19.27 1.81 -5.38
C ASP A 92 19.64 3.01 -4.50
N ARG A 93 18.78 3.34 -3.55
N ARG A 93 18.77 3.33 -3.55
CA ARG A 93 19.07 4.43 -2.63
CA ARG A 93 18.98 4.44 -2.63
C ARG A 93 19.57 3.96 -1.27
C ARG A 93 19.69 4.01 -1.34
N GLY A 94 20.08 2.74 -1.26
CA GLY A 94 20.85 2.21 -0.11
C GLY A 94 20.05 1.57 1.01
N PHE A 95 18.80 1.18 0.72
CA PHE A 95 17.95 0.53 1.74
C PHE A 95 17.99 -0.98 1.56
N LEU A 96 18.14 -1.71 2.65
CA LEU A 96 18.20 -3.17 2.63
C LEU A 96 16.79 -3.77 2.52
N GLU A 97 16.59 -4.68 1.55
CA GLU A 97 15.28 -5.33 1.34
C GLU A 97 15.00 -6.41 2.38
N ILE A 98 13.90 -6.26 3.12
CA ILE A 98 13.52 -7.24 4.16
C ILE A 98 12.31 -8.05 3.68
N LYS A 99 12.29 -9.36 3.99
CA LYS A 99 11.07 -10.17 3.87
C LYS A 99 10.82 -10.89 5.18
N SER A 100 9.90 -10.34 5.98
CA SER A 100 9.68 -10.84 7.33
C SER A 100 8.32 -11.57 7.40
N PRO A 101 8.03 -12.25 8.52
CA PRO A 101 6.76 -13.01 8.59
C PRO A 101 5.50 -12.16 8.47
N ILE A 102 4.48 -12.76 7.85
CA ILE A 102 3.19 -12.11 7.69
C ILE A 102 2.30 -12.54 8.86
N LEU A 103 2.43 -13.81 9.25
CA LEU A 103 1.77 -14.34 10.45
C LEU A 103 2.70 -14.04 11.64
N ILE A 104 2.24 -13.19 12.56
CA ILE A 104 3.11 -12.68 13.63
C ILE A 104 2.51 -12.94 15.02
N PRO A 105 3.37 -12.91 16.07
CA PRO A 105 2.86 -13.11 17.43
C PRO A 105 1.84 -12.04 17.82
N LEU A 106 0.76 -12.47 18.45
CA LEU A 106 -0.21 -11.52 18.97
C LEU A 106 0.42 -10.54 19.97
N GLU A 107 1.44 -10.99 20.70
CA GLU A 107 2.18 -10.11 21.66
C GLU A 107 2.75 -8.86 20.99
N TYR A 108 3.09 -8.93 19.70
CA TYR A 108 3.61 -7.74 18.98
C TYR A 108 2.59 -6.60 18.93
N ILE A 109 1.31 -6.96 18.85
CA ILE A 109 0.22 -5.97 18.80
C ILE A 109 0.14 -5.17 20.11
N GLU A 110 0.09 -5.89 21.23
CA GLU A 110 0.13 -5.24 22.55
C GLU A 110 1.39 -4.40 22.71
N ARG A 111 2.51 -4.92 22.27
CA ARG A 111 3.80 -4.23 22.44
CA ARG A 111 3.76 -4.20 22.40
C ARG A 111 3.90 -2.96 21.53
N MET A 112 3.07 -2.90 20.53
CA MET A 112 2.98 -1.72 19.69
C MET A 112 2.08 -0.64 20.33
N GLY A 113 1.59 -0.92 21.53
CA GLY A 113 0.72 0.01 22.25
C GLY A 113 -0.70 0.02 21.70
N ILE A 114 -1.12 -1.09 21.10
CA ILE A 114 -2.46 -1.23 20.55
C ILE A 114 -3.31 -1.94 21.60
N ASP A 115 -3.96 -1.14 22.45
CA ASP A 115 -4.89 -1.65 23.45
C ASP A 115 -6.33 -1.31 23.04
N ASN A 116 -7.30 -1.69 23.87
CA ASN A 116 -8.73 -1.48 23.56
C ASN A 116 -9.17 -0.02 23.36
N ASP A 117 -8.30 0.91 23.72
CA ASP A 117 -8.57 2.35 23.55
C ASP A 117 -8.45 2.79 22.10
N THR A 118 -7.83 1.94 21.27
CA THR A 118 -7.44 2.31 19.92
C THR A 118 -8.32 1.64 18.86
N GLU A 119 -8.46 2.28 17.69
CA GLU A 119 -9.25 1.73 16.57
C GLU A 119 -8.70 0.38 16.12
N LEU A 120 -7.37 0.29 16.01
CA LEU A 120 -6.69 -0.87 15.46
C LEU A 120 -6.95 -2.18 16.21
N SER A 121 -7.19 -2.11 17.52
CA SER A 121 -7.42 -3.31 18.33
C SER A 121 -8.58 -4.16 17.79
N LYS A 122 -9.60 -3.49 17.27
CA LYS A 122 -10.77 -4.18 16.73
C LYS A 122 -10.59 -4.59 15.27
N GLN A 123 -9.44 -4.25 14.68
CA GLN A 123 -9.22 -4.53 13.26
C GLN A 123 -8.33 -5.75 13.01
N ILE A 124 -7.91 -6.42 14.08
CA ILE A 124 -6.94 -7.52 13.96
C ILE A 124 -7.62 -8.84 13.56
N PHE A 125 -7.08 -9.47 12.52
CA PHE A 125 -7.41 -10.89 12.22
C PHE A 125 -6.57 -11.83 13.08
N ARG A 126 -7.18 -12.41 14.11
CA ARG A 126 -6.49 -13.39 14.95
C ARG A 126 -6.43 -14.74 14.26
N VAL A 127 -5.35 -15.48 14.53
CA VAL A 127 -5.14 -16.82 14.02
C VAL A 127 -4.67 -17.65 15.21
N ASP A 128 -5.38 -18.76 15.47
CA ASP A 128 -5.13 -19.61 16.65
C ASP A 128 -5.17 -18.79 17.94
N LYS A 129 -4.43 -19.20 18.97
CA LYS A 129 -4.50 -18.45 20.24
C LYS A 129 -3.37 -17.43 20.42
N ASN A 130 -2.26 -17.63 19.70
CA ASN A 130 -1.05 -16.82 19.90
C ASN A 130 -0.62 -15.95 18.72
N PHE A 131 -1.33 -16.03 17.60
CA PHE A 131 -0.88 -15.36 16.37
C PHE A 131 -1.93 -14.46 15.74
N CYS A 132 -1.52 -13.62 14.80
CA CYS A 132 -2.46 -12.83 14.02
C CYS A 132 -1.84 -12.55 12.66
N LEU A 133 -2.64 -12.09 11.71
CA LEU A 133 -2.14 -11.57 10.47
C LEU A 133 -1.64 -10.16 10.74
N ARG A 134 -0.44 -9.84 10.32
CA ARG A 134 0.09 -8.52 10.65
C ARG A 134 -0.77 -7.40 10.04
N PRO A 135 -1.14 -6.39 10.84
CA PRO A 135 -1.87 -5.25 10.33
C PRO A 135 -0.91 -4.15 9.89
N MET A 136 0.37 -4.32 10.23
CA MET A 136 1.42 -3.37 9.87
C MET A 136 2.75 -4.08 9.84
N LEU A 137 3.75 -3.45 9.23
CA LEU A 137 5.09 -4.02 9.10
C LEU A 137 5.95 -3.64 10.31
N THR A 138 5.51 -2.61 11.01
N THR A 138 5.51 -2.62 11.02
CA THR A 138 6.30 -1.95 12.07
CA THR A 138 6.35 -1.96 12.02
C THR A 138 6.98 -2.86 13.10
C THR A 138 6.97 -2.80 13.15
N PRO A 139 6.23 -3.75 13.79
CA PRO A 139 6.91 -4.54 14.82
C PRO A 139 8.07 -5.40 14.31
N ASN A 140 7.89 -6.08 13.17
CA ASN A 140 8.99 -6.86 12.60
C ASN A 140 10.18 -5.95 12.29
N LEU A 141 9.90 -4.76 11.78
CA LEU A 141 10.99 -3.89 11.35
C LEU A 141 11.70 -3.24 12.54
N TYR A 142 10.97 -3.02 13.63
CA TYR A 142 11.62 -2.58 14.87
C TYR A 142 12.67 -3.61 15.31
N ASN A 143 12.30 -4.89 15.29
CA ASN A 143 13.20 -5.98 15.63
C ASN A 143 14.40 -6.00 14.68
N TYR A 144 14.15 -5.82 13.39
CA TYR A 144 15.26 -5.73 12.44
C TYR A 144 16.24 -4.58 12.71
N LEU A 145 15.71 -3.40 13.02
CA LEU A 145 16.57 -2.24 13.31
C LEU A 145 17.45 -2.51 14.52
N ARG A 146 16.88 -3.10 15.56
CA ARG A 146 17.66 -3.39 16.77
C ARG A 146 18.76 -4.41 16.49
N LYS A 147 18.41 -5.48 15.78
CA LYS A 147 19.37 -6.53 15.45
C LYS A 147 20.46 -6.04 14.50
N LEU A 148 20.06 -5.36 13.43
CA LEU A 148 21.03 -4.90 12.44
C LEU A 148 21.97 -3.83 12.97
N ASP A 149 21.56 -3.10 14.01
CA ASP A 149 22.43 -2.05 14.59
C ASP A 149 23.70 -2.64 15.20
N ARG A 150 23.67 -3.94 15.49
CA ARG A 150 24.83 -4.65 16.02
C ARG A 150 25.84 -5.00 14.92
N ALA A 151 25.40 -4.92 13.66
CA ALA A 151 26.22 -5.39 12.52
C ALA A 151 26.55 -4.33 11.47
N LEU A 152 25.63 -3.41 11.22
CA LEU A 152 25.77 -2.52 10.08
C LEU A 152 26.21 -1.12 10.48
N PRO A 153 26.89 -0.41 9.57
CA PRO A 153 27.29 0.97 9.83
C PRO A 153 26.11 1.95 9.79
N ASP A 154 26.20 2.97 10.62
CA ASP A 154 25.22 4.05 10.70
C ASP A 154 25.28 4.92 9.44
N PRO A 155 24.12 5.27 8.85
CA PRO A 155 22.76 4.93 9.28
C PRO A 155 22.27 3.58 8.76
N ILE A 156 21.34 3.01 9.50
CA ILE A 156 20.67 1.76 9.11
C ILE A 156 19.46 2.11 8.26
N LYS A 157 19.40 1.57 7.05
CA LYS A 157 18.33 1.91 6.11
C LYS A 157 17.72 0.59 5.64
N ILE A 158 16.44 0.40 5.93
CA ILE A 158 15.77 -0.85 5.55
C ILE A 158 14.39 -0.57 4.96
N PHE A 159 13.85 -1.52 4.19
CA PHE A 159 12.48 -1.39 3.74
C PHE A 159 11.86 -2.76 3.60
N GLU A 160 10.52 -2.80 3.64
CA GLU A 160 9.80 -4.04 3.31
C GLU A 160 8.53 -3.69 2.54
N ILE A 161 8.13 -4.59 1.65
CA ILE A 161 6.87 -4.49 0.94
C ILE A 161 6.17 -5.83 1.13
N GLY A 162 4.91 -5.81 1.55
CA GLY A 162 4.21 -7.09 1.60
C GLY A 162 2.82 -7.00 2.18
N PRO A 163 2.14 -8.15 2.28
CA PRO A 163 0.73 -8.17 2.67
C PRO A 163 0.52 -7.70 4.11
N CYS A 164 -0.54 -6.93 4.31
CA CYS A 164 -1.03 -6.53 5.65
C CYS A 164 -2.54 -6.73 5.69
N TYR A 165 -3.09 -6.92 6.90
CA TYR A 165 -4.50 -7.30 7.05
C TYR A 165 -5.18 -6.50 8.13
N ARG A 166 -6.35 -5.92 7.80
CA ARG A 166 -7.14 -5.16 8.76
C ARG A 166 -8.62 -5.36 8.44
N LYS A 167 -9.43 -5.60 9.48
CA LYS A 167 -10.88 -5.55 9.32
C LYS A 167 -11.32 -4.11 9.10
N GLU A 168 -12.11 -3.86 8.06
CA GLU A 168 -12.49 -2.49 7.67
C GLU A 168 -13.99 -2.44 7.35
N SER A 169 -14.63 -1.30 7.64
CA SER A 169 -16.03 -1.06 7.25
C SER A 169 -16.11 -0.57 5.81
N ASP A 170 -15.25 0.40 5.52
CA ASP A 170 -15.21 1.12 4.25
C ASP A 170 -14.77 0.24 3.09
N GLY A 171 -15.37 0.48 1.93
CA GLY A 171 -15.02 -0.27 0.73
C GLY A 171 -14.27 0.52 -0.33
N LYS A 172 -14.40 1.84 -0.33
CA LYS A 172 -13.93 2.62 -1.48
C LYS A 172 -12.42 2.87 -1.48
N GLU A 173 -11.86 3.11 -0.30
CA GLU A 173 -10.43 3.40 -0.17
C GLU A 173 -9.72 2.37 0.70
N HIS A 174 -10.46 1.36 1.17
CA HIS A 174 -9.90 0.34 2.07
C HIS A 174 -10.11 -1.06 1.53
N LEU A 175 -9.10 -1.91 1.74
CA LEU A 175 -9.18 -3.35 1.51
C LEU A 175 -8.86 -4.06 2.81
N GLU A 176 -9.43 -5.23 3.03
CA GLU A 176 -9.06 -5.99 4.22
C GLU A 176 -7.72 -6.69 4.04
N GLU A 177 -7.39 -7.04 2.80
CA GLU A 177 -6.09 -7.61 2.44
C GLU A 177 -5.42 -6.58 1.52
N PHE A 178 -4.38 -5.93 2.02
CA PHE A 178 -3.67 -4.95 1.21
C PHE A 178 -2.16 -5.16 1.26
N THR A 179 -1.42 -4.27 0.60
CA THR A 179 0.03 -4.40 0.51
C THR A 179 0.65 -3.08 0.97
N MET A 180 1.55 -3.15 1.96
CA MET A 180 2.20 -1.93 2.45
C MET A 180 3.68 -1.93 2.12
N LEU A 181 4.19 -0.74 1.82
CA LEU A 181 5.62 -0.46 1.81
C LEU A 181 5.93 0.30 3.10
N VAL A 182 6.99 -0.09 3.79
CA VAL A 182 7.56 0.79 4.81
C VAL A 182 9.03 0.95 4.49
N PHE A 183 9.51 2.18 4.48
CA PHE A 183 10.96 2.40 4.54
C PHE A 183 11.31 3.08 5.88
N TRP A 184 12.52 2.83 6.36
CA TRP A 184 12.88 3.26 7.72
C TRP A 184 14.40 3.44 7.79
N GLN A 185 14.81 4.65 8.15
CA GLN A 185 16.22 4.96 8.37
C GLN A 185 16.43 5.29 9.84
N MET A 186 17.51 4.78 10.41
CA MET A 186 17.81 5.02 11.82
C MET A 186 19.28 5.42 12.00
N GLY A 187 19.49 6.50 12.77
CA GLY A 187 20.85 6.99 13.05
C GLY A 187 21.04 8.39 12.50
N SER A 188 22.14 8.59 11.77
CA SER A 188 22.47 9.88 11.16
CA SER A 188 22.46 9.90 11.18
C SER A 188 21.55 10.29 10.04
N GLY A 189 21.35 11.60 9.86
CA GLY A 189 20.56 12.18 8.77
C GLY A 189 19.05 12.00 8.88
N CYS A 190 18.57 11.69 10.08
CA CYS A 190 17.13 11.45 10.26
C CYS A 190 16.39 12.73 10.61
N THR A 191 16.23 13.56 9.60
CA THR A 191 15.57 14.85 9.72
C THR A 191 14.29 14.86 8.92
N ARG A 192 13.35 15.74 9.29
CA ARG A 192 12.14 15.92 8.51
C ARG A 192 12.45 16.28 7.06
N GLU A 193 13.48 17.10 6.85
CA GLU A 193 13.87 17.47 5.49
C GLU A 193 14.25 16.26 4.62
N ASN A 194 15.06 15.36 5.17
N ASN A 194 15.07 15.37 5.18
CA ASN A 194 15.49 14.17 4.45
CA ASN A 194 15.49 14.16 4.49
C ASN A 194 14.32 13.22 4.22
C ASN A 194 14.29 13.28 4.19
N LEU A 195 13.40 13.14 5.18
CA LEU A 195 12.17 12.35 5.04
C LEU A 195 11.31 12.88 3.90
N GLU A 196 11.06 14.19 3.90
CA GLU A 196 10.30 14.81 2.82
C GLU A 196 10.95 14.62 1.45
N SER A 197 12.29 14.66 1.42
CA SER A 197 13.03 14.47 0.18
C SER A 197 12.85 13.07 -0.41
N ILE A 198 12.92 12.05 0.45
CA ILE A 198 12.76 10.66 0.01
C ILE A 198 11.35 10.48 -0.55
N ILE A 199 10.36 10.97 0.19
CA ILE A 199 8.96 10.86 -0.25
C ILE A 199 8.77 11.54 -1.60
N THR A 200 9.33 12.74 -1.71
CA THR A 200 9.20 13.52 -2.92
C THR A 200 9.86 12.84 -4.11
N ASP A 201 11.10 12.38 -3.95
CA ASP A 201 11.80 11.69 -5.03
C ASP A 201 11.03 10.44 -5.43
N PHE A 202 10.50 9.73 -4.44
CA PHE A 202 9.80 8.45 -4.67
C PHE A 202 8.53 8.63 -5.50
N LEU A 203 7.70 9.59 -5.09
CA LEU A 203 6.42 9.80 -5.77
C LEU A 203 6.59 10.46 -7.13
N ASN A 204 7.60 11.34 -7.26
CA ASN A 204 7.92 11.88 -8.59
C ASN A 204 8.46 10.81 -9.55
N HIS A 205 9.16 9.82 -8.99
CA HIS A 205 9.66 8.68 -9.74
C HIS A 205 8.48 7.85 -10.26
N LEU A 206 7.49 7.63 -9.39
CA LEU A 206 6.30 6.86 -9.79
C LEU A 206 5.33 7.64 -10.67
N GLY A 207 5.43 8.96 -10.66
CA GLY A 207 4.52 9.82 -11.42
C GLY A 207 3.17 9.95 -10.76
N ILE A 208 3.18 10.11 -9.44
CA ILE A 208 1.97 10.27 -8.65
C ILE A 208 1.94 11.63 -7.95
N ASP A 209 0.89 12.40 -8.20
CA ASP A 209 0.74 13.74 -7.60
C ASP A 209 0.45 13.64 -6.11
N PHE A 210 0.99 14.56 -5.31
CA PHE A 210 0.82 14.47 -3.87
C PHE A 210 1.01 15.84 -3.19
N LYS A 211 0.56 15.91 -1.95
CA LYS A 211 0.90 17.01 -1.05
C LYS A 211 1.25 16.44 0.31
N ILE A 212 2.32 16.96 0.90
CA ILE A 212 2.70 16.59 2.25
C ILE A 212 2.04 17.58 3.20
N VAL A 213 1.26 17.04 4.13
CA VAL A 213 0.54 17.86 5.12
C VAL A 213 1.09 17.60 6.51
N GLY A 214 1.48 18.66 7.21
CA GLY A 214 2.00 18.56 8.57
C GLY A 214 1.09 19.22 9.58
N GLY A 221 6.88 13.05 18.61
CA GLY A 221 7.46 12.96 17.28
C GLY A 221 6.76 13.82 16.24
N ASP A 222 7.50 14.19 15.19
CA ASP A 222 6.94 14.92 14.06
C ASP A 222 6.18 13.96 13.14
N THR A 223 4.95 14.33 12.77
CA THR A 223 4.04 13.47 12.01
C THR A 223 3.56 14.13 10.72
N LEU A 224 3.64 13.41 9.61
CA LEU A 224 3.28 13.94 8.28
C LEU A 224 2.33 13.01 7.57
N ASP A 225 1.38 13.59 6.85
CA ASP A 225 0.50 12.80 6.00
C ASP A 225 0.70 13.16 4.54
N VAL A 226 0.81 12.14 3.70
CA VAL A 226 1.04 12.34 2.28
C VAL A 226 -0.29 12.09 1.58
N MET A 227 -0.85 13.15 1.00
CA MET A 227 -2.21 13.11 0.46
C MET A 227 -2.25 13.19 -1.06
N HIS A 228 -3.24 12.51 -1.64
CA HIS A 228 -3.63 12.76 -3.02
C HIS A 228 -5.07 13.21 -2.97
N GLY A 229 -5.29 14.52 -3.14
CA GLY A 229 -6.61 15.09 -2.84
C GLY A 229 -7.01 14.68 -1.44
N ASP A 230 -8.17 14.03 -1.31
CA ASP A 230 -8.68 13.57 -0.01
C ASP A 230 -8.16 12.19 0.43
N LEU A 231 -7.33 11.56 -0.38
CA LEU A 231 -6.87 10.19 -0.12
C LEU A 231 -5.51 10.18 0.55
N GLU A 232 -5.39 9.47 1.67
CA GLU A 232 -4.09 9.31 2.32
C GLU A 232 -3.25 8.22 1.66
N LEU A 233 -2.17 8.61 1.02
CA LEU A 233 -1.26 7.66 0.42
C LEU A 233 -0.28 7.09 1.44
N SER A 234 0.07 7.90 2.42
CA SER A 234 1.07 7.54 3.41
C SER A 234 0.97 8.33 4.70
N SER A 235 1.36 7.67 5.78
CA SER A 235 1.69 8.34 7.04
CA SER A 235 1.70 8.35 7.04
C SER A 235 3.19 8.21 7.25
N ALA A 236 3.83 9.33 7.62
CA ALA A 236 5.26 9.35 7.83
C ALA A 236 5.57 9.97 9.19
N LEU A 237 6.68 9.55 9.79
CA LEU A 237 7.03 9.98 11.15
C LEU A 237 8.52 10.22 11.30
N VAL A 238 8.85 11.16 12.19
CA VAL A 238 10.24 11.41 12.60
C VAL A 238 10.34 11.00 14.06
N GLY A 239 11.28 10.12 14.37
CA GLY A 239 11.53 9.68 15.74
C GLY A 239 12.63 10.52 16.38
N PRO A 240 12.96 10.27 17.65
CA PRO A 240 12.43 9.20 18.51
C PRO A 240 11.01 9.44 19.01
N ILE A 241 10.36 8.35 19.42
CA ILE A 241 9.07 8.41 20.10
C ILE A 241 9.15 7.48 21.33
N PRO A 242 8.28 7.69 22.33
CA PRO A 242 8.34 6.86 23.55
C PRO A 242 8.24 5.34 23.31
N LEU A 243 7.50 4.93 22.28
CA LEU A 243 7.33 3.51 21.97
C LEU A 243 8.65 2.78 21.67
N ASP A 244 9.64 3.52 21.16
CA ASP A 244 10.93 2.94 20.76
C ASP A 244 11.58 2.11 21.86
N ARG A 245 11.43 2.56 23.10
CA ARG A 245 12.07 1.92 24.24
C ARG A 245 11.62 0.48 24.42
N GLU A 246 10.35 0.21 24.14
CA GLU A 246 9.82 -1.14 24.25
C GLU A 246 10.51 -2.12 23.30
N TRP A 247 11.03 -1.58 22.20
CA TRP A 247 11.67 -2.38 21.15
C TRP A 247 13.20 -2.31 21.17
N GLY A 248 13.76 -1.66 22.19
CA GLY A 248 15.20 -1.59 22.32
C GLY A 248 15.87 -0.62 21.36
N ILE A 249 15.11 0.38 20.91
CA ILE A 249 15.61 1.41 20.00
C ILE A 249 15.83 2.72 20.76
N ASP A 250 17.01 3.32 20.60
CA ASP A 250 17.35 4.59 21.27
C ASP A 250 18.15 5.52 20.36
N LYS A 251 17.74 5.56 19.08
CA LYS A 251 18.38 6.43 18.09
C LYS A 251 17.31 7.21 17.34
N PRO A 252 17.69 8.36 16.73
CA PRO A 252 16.75 9.09 15.88
C PRO A 252 16.40 8.23 14.66
N TRP A 253 15.26 8.53 14.04
CA TRP A 253 14.86 7.76 12.86
C TRP A 253 13.82 8.53 12.06
N ILE A 254 13.65 8.14 10.79
CA ILE A 254 12.59 8.66 9.94
C ILE A 254 12.02 7.47 9.17
N GLY A 255 10.73 7.51 8.87
CA GLY A 255 10.17 6.42 8.05
C GLY A 255 8.77 6.74 7.59
N ALA A 256 8.21 5.87 6.76
CA ALA A 256 6.86 6.13 6.25
C ALA A 256 6.27 4.83 5.76
N GLY A 257 4.95 4.74 5.79
CA GLY A 257 4.24 3.56 5.27
C GLY A 257 3.29 3.97 4.17
N PHE A 258 3.33 3.24 3.06
CA PHE A 258 2.52 3.54 1.85
C PHE A 258 1.69 2.34 1.47
N GLY A 259 0.42 2.54 1.10
CA GLY A 259 -0.38 1.41 0.56
C GLY A 259 -0.21 1.29 -0.96
N LEU A 260 0.26 0.13 -1.42
CA LEU A 260 0.49 -0.06 -2.86
C LEU A 260 -0.81 0.00 -3.68
N GLU A 261 -1.89 -0.57 -3.15
CA GLU A 261 -3.15 -0.50 -3.87
C GLU A 261 -3.68 0.94 -4.01
N ARG A 262 -3.44 1.75 -2.99
CA ARG A 262 -3.77 3.19 -3.11
C ARG A 262 -2.91 3.89 -4.19
N LEU A 263 -1.62 3.58 -4.25
CA LEU A 263 -0.77 4.13 -5.31
C LEU A 263 -1.29 3.72 -6.71
N LEU A 264 -1.64 2.45 -6.86
CA LEU A 264 -2.21 1.97 -8.12
C LEU A 264 -3.54 2.64 -8.46
N LYS A 265 -4.40 2.80 -7.45
CA LYS A 265 -5.70 3.45 -7.64
C LYS A 265 -5.50 4.85 -8.24
N VAL A 266 -4.55 5.58 -7.70
CA VAL A 266 -4.28 6.94 -8.18
C VAL A 266 -3.62 6.95 -9.56
N LYS A 267 -2.57 6.13 -9.73
CA LYS A 267 -1.85 6.05 -11.00
C LYS A 267 -2.76 5.70 -12.17
N HIS A 268 -3.64 4.72 -11.94
CA HIS A 268 -4.47 4.20 -13.02
C HIS A 268 -5.87 4.79 -13.05
N ASP A 269 -6.14 5.72 -12.14
CA ASP A 269 -7.43 6.43 -12.04
C ASP A 269 -8.60 5.44 -11.86
N PHE A 270 -8.41 4.43 -11.02
CA PHE A 270 -9.47 3.48 -10.69
C PHE A 270 -10.48 4.16 -9.76
N LYS A 271 -11.77 4.00 -10.04
CA LYS A 271 -12.79 4.58 -9.17
C LYS A 271 -12.93 3.83 -7.85
N ASN A 272 -12.67 2.54 -7.86
CA ASN A 272 -12.71 1.76 -6.63
C ASN A 272 -11.43 0.96 -6.44
N ILE A 273 -10.92 0.95 -5.22
CA ILE A 273 -9.65 0.29 -4.90
C ILE A 273 -9.67 -1.22 -5.16
N LYS A 274 -10.86 -1.81 -5.22
CA LYS A 274 -10.96 -3.25 -5.57
C LYS A 274 -10.29 -3.60 -6.90
N ARG A 275 -10.20 -2.62 -7.80
CA ARG A 275 -9.56 -2.86 -9.10
C ARG A 275 -8.05 -3.02 -9.00
N ALA A 276 -7.50 -2.62 -7.86
CA ALA A 276 -6.05 -2.65 -7.63
C ALA A 276 -5.63 -3.79 -6.68
N ALA A 277 -6.61 -4.54 -6.17
CA ALA A 277 -6.33 -5.54 -5.13
C ALA A 277 -5.89 -6.88 -5.69
N ARG A 278 -5.25 -7.69 -4.85
CA ARG A 278 -5.20 -9.14 -5.08
C ARG A 278 -6.63 -9.57 -5.24
N SER A 279 -6.94 -10.23 -6.35
CA SER A 279 -8.35 -10.42 -6.68
C SER A 279 -8.51 -11.55 -7.66
N GLU A 280 -9.70 -12.13 -7.67
CA GLU A 280 -10.12 -13.04 -8.70
C GLU A 280 -11.12 -12.34 -9.63
N SER A 281 -11.51 -11.13 -9.28
CA SER A 281 -12.55 -10.37 -10.01
C SER A 281 -11.98 -9.34 -10.97
N TYR A 282 -10.74 -8.91 -10.72
CA TYR A 282 -10.06 -7.95 -11.59
C TYR A 282 -8.62 -8.35 -11.79
N TYR A 283 -8.15 -8.12 -13.01
CA TYR A 283 -6.76 -8.34 -13.37
C TYR A 283 -6.24 -7.05 -14.00
N ASN A 284 -5.27 -6.40 -13.34
CA ASN A 284 -4.79 -5.10 -13.84
C ASN A 284 -5.96 -4.14 -14.11
N GLY A 285 -6.95 -4.19 -13.21
CA GLY A 285 -8.10 -3.30 -13.27
C GLY A 285 -9.14 -3.67 -14.32
N ILE A 286 -8.95 -4.81 -14.97
CA ILE A 286 -9.88 -5.28 -16.00
C ILE A 286 -10.75 -6.38 -15.38
N SER A 287 -12.06 -6.28 -15.56
CA SER A 287 -12.95 -7.33 -15.06
C SER A 287 -12.56 -8.69 -15.66
N THR A 288 -12.52 -9.71 -14.80
CA THR A 288 -12.31 -11.07 -15.24
C THR A 288 -13.64 -11.79 -15.49
N ASN A 289 -14.76 -11.12 -15.21
CA ASN A 289 -16.11 -11.69 -15.43
C ASN A 289 -16.67 -11.29 -16.79
N LEU A 290 -16.15 -11.92 -17.83
CA LEU A 290 -16.40 -11.52 -19.21
C LEU A 290 -17.26 -12.54 -19.97
#